data_1XJI
#
_entry.id   1XJI
#
_cell.length_a   44.658
_cell.length_b   102.515
_cell.length_c   128.243
_cell.angle_alpha   90.00
_cell.angle_beta   90.00
_cell.angle_gamma   90.00
#
_symmetry.space_group_name_H-M   'C 2 2 21'
#
loop_
_entity.id
_entity.type
_entity.pdbx_description
1 polymer Bacteriorhodopsin
2 non-polymer RETINAL
3 non-polymer DODECANE
4 non-polymer DECANE
5 non-polymer TETRADECANE
6 non-polymer N-OCTANE
7 non-polymer 3-[(3-CHOLAMIDOPROPYL)DIMETHYLAMMONIO]-1-PROPANESULFONATE
8 water water
#
_entity_poly.entity_id   1
_entity_poly.type   'polypeptide(L)'
_entity_poly.pdbx_seq_one_letter_code
;AQITGRPEWIWLALGTALMGLGTLYFLVKGMGVSDPDAKKFYAITTLVPAIAFTMYLSMLLGYGLTMVPFGGEQNPIYWA
RYADWLFTTPLLLLDLALLVDADQGTILALVGADGIMIGTGLVGALTKVYSYRFVWWAISTAAMLYILYVLFFGFTSKAE
SMRPEVASTFKVLRNVTVVLWSAYPVVWLIGSEGAGIVPLNIETLLFMVLDVSAKVGFGLILLRSRAIFGEAEAPEPSAG
DGAAATS
;
_entity_poly.pdbx_strand_id   A
#
loop_
_chem_comp.id
_chem_comp.type
_chem_comp.name
_chem_comp.formula
C14 non-polymer TETRADECANE 'C14 H30'
CPS non-polymer 3-[(3-CHOLAMIDOPROPYL)DIMETHYLAMMONIO]-1-PROPANESULFONATE 'C32 H58 N2 O7 S'
D10 non-polymer DECANE 'C10 H22'
D12 non-polymer DODECANE 'C12 H26'
OCT non-polymer N-OCTANE 'C8 H18'
RET non-polymer RETINAL 'C20 H28 O'
#
# COMPACT_ATOMS: atom_id res chain seq x y z
N GLY A 5 -13.14 -20.58 -10.83
CA GLY A 5 -13.25 -20.71 -9.39
C GLY A 5 -11.89 -20.94 -8.75
N ARG A 6 -10.99 -19.97 -8.87
CA ARG A 6 -9.66 -20.08 -8.29
C ARG A 6 -9.74 -20.10 -6.76
N PRO A 7 -8.92 -20.94 -6.11
CA PRO A 7 -8.86 -21.11 -4.65
C PRO A 7 -8.78 -19.83 -3.81
N GLU A 8 -8.06 -18.83 -4.33
CA GLU A 8 -7.88 -17.57 -3.61
C GLU A 8 -9.05 -16.61 -3.74
N TRP A 9 -10.10 -16.99 -4.46
CA TRP A 9 -11.23 -16.08 -4.63
C TRP A 9 -11.85 -15.66 -3.31
N ILE A 10 -11.83 -16.57 -2.33
CA ILE A 10 -12.40 -16.30 -1.02
C ILE A 10 -11.75 -15.09 -0.33
N TRP A 11 -10.45 -14.89 -0.56
CA TRP A 11 -9.73 -13.79 0.04
C TRP A 11 -9.96 -12.51 -0.75
N LEU A 12 -10.11 -12.63 -2.07
CA LEU A 12 -10.38 -11.45 -2.88
C LEU A 12 -11.75 -10.93 -2.46
N ALA A 13 -12.67 -11.85 -2.18
CA ALA A 13 -14.01 -11.47 -1.75
C ALA A 13 -14.00 -10.84 -0.36
N LEU A 14 -13.16 -11.36 0.52
CA LEU A 14 -13.04 -10.87 1.88
C LEU A 14 -12.38 -9.48 1.80
N GLY A 15 -11.44 -9.33 0.88
CA GLY A 15 -10.76 -8.07 0.70
C GLY A 15 -11.71 -7.02 0.14
N THR A 16 -12.54 -7.44 -0.80
CA THR A 16 -13.53 -6.54 -1.43
C THR A 16 -14.46 -5.95 -0.37
N ALA A 17 -14.99 -6.83 0.48
CA ALA A 17 -15.89 -6.44 1.54
C ALA A 17 -15.27 -5.47 2.54
N LEU A 18 -14.04 -5.75 2.97
CA LEU A 18 -13.38 -4.90 3.94
C LEU A 18 -13.01 -3.51 3.40
N MET A 19 -12.51 -3.46 2.17
CA MET A 19 -12.15 -2.17 1.58
C MET A 19 -13.42 -1.40 1.33
N GLY A 20 -14.47 -2.13 0.94
CA GLY A 20 -15.74 -1.49 0.68
C GLY A 20 -16.35 -0.88 1.94
N LEU A 21 -16.35 -1.65 3.01
CA LEU A 21 -16.90 -1.17 4.27
C LEU A 21 -16.09 0.02 4.77
N GLY A 22 -14.77 -0.12 4.79
CA GLY A 22 -13.92 0.96 5.24
C GLY A 22 -14.16 2.21 4.41
N THR A 23 -14.23 2.05 3.10
CA THR A 23 -14.48 3.19 2.21
C THR A 23 -15.73 3.96 2.62
N LEU A 24 -16.86 3.27 2.69
CA LEU A 24 -18.14 3.90 3.04
C LEU A 24 -18.07 4.60 4.38
N TYR A 25 -17.49 3.91 5.36
CA TYR A 25 -17.36 4.43 6.71
C TYR A 25 -16.58 5.74 6.74
N PHE A 26 -15.40 5.75 6.11
CA PHE A 26 -14.59 6.96 6.08
C PHE A 26 -15.32 8.07 5.32
N LEU A 27 -16.03 7.66 4.26
CA LEU A 27 -16.78 8.59 3.43
C LEU A 27 -17.87 9.29 4.26
N VAL A 28 -18.62 8.50 5.01
CA VAL A 28 -19.67 9.07 5.84
C VAL A 28 -19.09 10.01 6.89
N LYS A 29 -18.11 9.50 7.64
CA LYS A 29 -17.46 10.28 8.68
C LYS A 29 -16.82 11.52 8.08
N GLY A 30 -16.32 11.38 6.85
CA GLY A 30 -15.67 12.51 6.21
C GLY A 30 -16.60 13.62 5.79
N MET A 31 -17.77 13.26 5.28
CA MET A 31 -18.72 14.25 4.82
C MET A 31 -19.44 14.99 5.93
N GLY A 32 -19.32 14.49 7.15
CA GLY A 32 -19.96 15.13 8.28
C GLY A 32 -19.07 16.20 8.91
N VAL A 33 -17.77 16.01 8.80
CA VAL A 33 -16.81 16.96 9.36
C VAL A 33 -16.82 18.27 8.56
N SER A 34 -16.64 19.39 9.24
CA SER A 34 -16.62 20.68 8.56
C SER A 34 -15.23 21.34 8.53
N ASP A 35 -14.35 20.91 9.43
CA ASP A 35 -12.99 21.46 9.48
C ASP A 35 -12.29 21.27 8.14
N PRO A 36 -11.72 22.35 7.58
CA PRO A 36 -11.02 22.33 6.30
C PRO A 36 -9.87 21.32 6.26
N ASP A 37 -8.99 21.38 7.27
CA ASP A 37 -7.85 20.48 7.33
C ASP A 37 -8.22 19.01 7.43
N ALA A 38 -9.17 18.71 8.31
CA ALA A 38 -9.61 17.33 8.50
C ALA A 38 -10.21 16.78 7.22
N LYS A 39 -10.89 17.63 6.47
CA LYS A 39 -11.52 17.27 5.21
C LYS A 39 -10.50 16.75 4.21
N LYS A 40 -9.32 17.36 4.22
CA LYS A 40 -8.21 17.00 3.35
C LYS A 40 -7.80 15.55 3.64
N PHE A 41 -7.55 15.27 4.92
CA PHE A 41 -7.16 13.93 5.33
C PHE A 41 -8.22 12.89 4.97
N TYR A 42 -9.48 13.20 5.26
CA TYR A 42 -10.60 12.29 4.96
C TYR A 42 -10.72 11.96 3.47
N ALA A 43 -10.50 12.96 2.62
CA ALA A 43 -10.59 12.76 1.18
C ALA A 43 -9.51 11.80 0.71
N ILE A 44 -8.26 12.12 1.05
CA ILE A 44 -7.13 11.30 0.68
C ILE A 44 -7.30 9.88 1.25
N THR A 45 -7.61 9.82 2.54
CA THR A 45 -7.77 8.54 3.23
C THR A 45 -8.94 7.69 2.74
N THR A 46 -9.99 8.32 2.24
CA THR A 46 -11.15 7.59 1.76
C THR A 46 -10.85 7.03 0.36
N LEU A 47 -10.18 7.82 -0.45
CA LEU A 47 -9.82 7.40 -1.81
C LEU A 47 -8.99 6.12 -1.85
N VAL A 48 -8.08 5.99 -0.90
CA VAL A 48 -7.23 4.80 -0.81
C VAL A 48 -8.01 3.49 -0.82
N PRO A 49 -8.86 3.24 0.19
CA PRO A 49 -9.60 1.98 0.15
C PRO A 49 -10.63 1.92 -0.98
N ALA A 50 -10.99 3.09 -1.52
CA ALA A 50 -11.95 3.12 -2.61
C ALA A 50 -11.31 2.51 -3.84
N ILE A 51 -10.03 2.80 -4.04
CA ILE A 51 -9.29 2.27 -5.17
C ILE A 51 -9.04 0.78 -4.96
N ALA A 52 -8.59 0.43 -3.75
CA ALA A 52 -8.34 -0.96 -3.40
C ALA A 52 -9.61 -1.79 -3.64
N PHE A 53 -10.76 -1.20 -3.28
CA PHE A 53 -12.05 -1.86 -3.46
C PHE A 53 -12.26 -2.24 -4.94
N THR A 54 -12.06 -1.27 -5.84
CA THR A 54 -12.25 -1.50 -7.27
C THR A 54 -11.28 -2.52 -7.85
N MET A 55 -10.03 -2.49 -7.40
CA MET A 55 -9.06 -3.44 -7.91
C MET A 55 -9.35 -4.85 -7.39
N TYR A 56 -9.74 -4.95 -6.11
CA TYR A 56 -10.06 -6.25 -5.53
C TYR A 56 -11.33 -6.84 -6.17
N LEU A 57 -12.30 -5.98 -6.46
CA LEU A 57 -13.55 -6.44 -7.08
C LEU A 57 -13.23 -6.97 -8.48
N SER A 58 -12.33 -6.26 -9.17
CA SER A 58 -11.89 -6.62 -10.51
C SER A 58 -11.25 -8.00 -10.52
N MET A 59 -10.33 -8.23 -9.57
CA MET A 59 -9.63 -9.51 -9.45
C MET A 59 -10.59 -10.63 -9.11
N LEU A 60 -11.54 -10.35 -8.22
CA LEU A 60 -12.57 -11.31 -7.83
C LEU A 60 -13.37 -11.74 -9.06
N LEU A 61 -13.60 -10.80 -9.97
CA LEU A 61 -14.36 -11.08 -11.18
C LEU A 61 -13.53 -11.62 -12.35
N GLY A 62 -12.25 -11.91 -12.12
CA GLY A 62 -11.42 -12.48 -13.16
C GLY A 62 -10.51 -11.60 -13.99
N TYR A 63 -10.26 -10.36 -13.57
CA TYR A 63 -9.37 -9.48 -14.32
C TYR A 63 -8.07 -9.21 -13.55
N GLY A 64 -7.09 -8.65 -14.25
CA GLY A 64 -5.83 -8.32 -13.60
C GLY A 64 -4.94 -9.52 -13.35
N LEU A 65 -5.20 -10.63 -14.04
CA LEU A 65 -4.39 -11.82 -13.88
C LEU A 65 -3.88 -12.30 -15.22
N THR A 66 -2.57 -12.49 -15.30
CA THR A 66 -2.00 -12.98 -16.54
C THR A 66 -0.99 -14.07 -16.23
N MET A 67 -0.78 -14.97 -17.18
CA MET A 67 0.17 -16.05 -17.01
C MET A 67 1.51 -15.55 -17.54
N VAL A 68 2.56 -15.75 -16.75
CA VAL A 68 3.90 -15.34 -17.13
C VAL A 68 4.81 -16.56 -17.09
N PRO A 69 5.55 -16.81 -18.18
CA PRO A 69 6.45 -17.98 -18.18
C PRO A 69 7.84 -17.67 -17.61
N PHE A 70 8.32 -18.58 -16.78
CA PHE A 70 9.65 -18.50 -16.17
C PHE A 70 9.81 -19.75 -15.32
N GLY A 71 11.05 -20.22 -15.20
CA GLY A 71 11.29 -21.42 -14.42
C GLY A 71 10.72 -22.65 -15.12
N GLY A 72 10.46 -22.52 -16.41
CA GLY A 72 9.94 -23.63 -17.19
C GLY A 72 8.44 -23.85 -17.05
N GLU A 73 7.73 -22.90 -16.45
CA GLU A 73 6.29 -23.05 -16.29
C GLU A 73 5.49 -21.76 -16.40
N GLN A 74 4.18 -21.92 -16.50
CA GLN A 74 3.26 -20.79 -16.59
C GLN A 74 2.84 -20.39 -15.18
N ASN A 75 3.21 -19.18 -14.78
CA ASN A 75 2.87 -18.71 -13.44
C ASN A 75 1.83 -17.61 -13.48
N PRO A 76 0.80 -17.72 -12.62
CA PRO A 76 -0.27 -16.72 -12.53
C PRO A 76 0.21 -15.48 -11.79
N ILE A 77 0.10 -14.33 -12.42
CA ILE A 77 0.54 -13.09 -11.83
C ILE A 77 -0.59 -12.06 -11.82
N TYR A 78 -0.99 -11.62 -10.61
CA TYR A 78 -2.04 -10.62 -10.46
C TYR A 78 -1.44 -9.22 -10.63
N TRP A 79 -1.43 -8.72 -11.86
CA TRP A 79 -0.88 -7.39 -12.12
C TRP A 79 -1.78 -6.25 -11.67
N ALA A 80 -3.04 -6.55 -11.39
CA ALA A 80 -3.98 -5.52 -10.95
C ALA A 80 -3.57 -4.92 -9.60
N ARG A 81 -2.78 -5.68 -8.83
CA ARG A 81 -2.31 -5.22 -7.52
C ARG A 81 -1.49 -3.95 -7.65
N TYR A 82 -0.68 -3.90 -8.69
CA TYR A 82 0.19 -2.76 -8.96
C TYR A 82 -0.61 -1.54 -9.41
N ALA A 83 -1.74 -1.79 -10.05
CA ALA A 83 -2.61 -0.70 -10.50
C ALA A 83 -3.12 -0.04 -9.22
N ASP A 84 -3.44 -0.86 -8.24
CA ASP A 84 -3.92 -0.42 -6.93
C ASP A 84 -2.79 0.34 -6.21
N TRP A 85 -1.70 -0.38 -5.95
CA TRP A 85 -0.55 0.20 -5.25
C TRP A 85 0.03 1.45 -5.90
N LEU A 86 0.07 1.50 -7.23
CA LEU A 86 0.61 2.66 -7.92
C LEU A 86 0.00 3.97 -7.41
N PHE A 87 -1.29 3.94 -7.09
CA PHE A 87 -1.97 5.14 -6.60
C PHE A 87 -2.17 5.20 -5.08
N THR A 88 -2.38 4.06 -4.44
CA THR A 88 -2.61 4.05 -2.99
C THR A 88 -1.38 4.31 -2.13
N THR A 89 -0.26 3.71 -2.49
CA THR A 89 0.93 3.92 -1.68
C THR A 89 1.35 5.40 -1.61
N PRO A 90 1.31 6.12 -2.75
CA PRO A 90 1.71 7.52 -2.66
C PRO A 90 0.69 8.36 -1.88
N LEU A 91 -0.58 7.98 -1.92
CA LEU A 91 -1.58 8.70 -1.17
C LEU A 91 -1.36 8.49 0.33
N LEU A 92 -1.01 7.27 0.72
CA LEU A 92 -0.74 7.00 2.12
C LEU A 92 0.43 7.85 2.60
N LEU A 93 1.47 7.95 1.76
CA LEU A 93 2.63 8.75 2.11
C LEU A 93 2.23 10.22 2.20
N LEU A 94 1.33 10.64 1.31
CA LEU A 94 0.85 12.01 1.30
C LEU A 94 0.25 12.31 2.67
N ASP A 95 -0.59 11.38 3.15
CA ASP A 95 -1.23 11.52 4.46
C ASP A 95 -0.18 11.84 5.53
N LEU A 96 0.89 11.06 5.54
CA LEU A 96 1.96 11.24 6.52
C LEU A 96 2.67 12.59 6.30
N ALA A 97 2.92 12.91 5.04
CA ALA A 97 3.60 14.14 4.70
C ALA A 97 2.82 15.34 5.24
N LEU A 98 1.50 15.31 5.08
CA LEU A 98 0.67 16.40 5.55
C LEU A 98 0.64 16.47 7.05
N LEU A 99 0.56 15.31 7.68
CA LEU A 99 0.52 15.24 9.13
C LEU A 99 1.74 15.90 9.80
N VAL A 100 2.92 15.81 9.17
CA VAL A 100 4.12 16.41 9.76
C VAL A 100 4.62 17.67 9.04
N ASP A 101 3.83 18.15 8.08
CA ASP A 101 4.19 19.34 7.31
C ASP A 101 5.56 19.19 6.64
N ALA A 102 5.72 18.11 5.88
CA ALA A 102 6.97 17.85 5.17
C ALA A 102 7.10 18.83 4.00
N ASP A 103 8.34 19.08 3.57
CA ASP A 103 8.60 20.01 2.47
C ASP A 103 8.16 19.44 1.14
N GLN A 104 7.80 20.33 0.22
CA GLN A 104 7.35 19.98 -1.11
C GLN A 104 8.33 19.05 -1.84
N GLY A 105 9.62 19.38 -1.75
CA GLY A 105 10.64 18.58 -2.40
C GLY A 105 10.75 17.16 -1.84
N THR A 106 10.57 17.04 -0.53
CA THR A 106 10.62 15.75 0.13
C THR A 106 9.47 14.88 -0.37
N ILE A 107 8.32 15.52 -0.54
CA ILE A 107 7.14 14.81 -1.03
C ILE A 107 7.38 14.30 -2.44
N LEU A 108 7.94 15.16 -3.29
CA LEU A 108 8.23 14.81 -4.68
C LEU A 108 9.15 13.60 -4.74
N ALA A 109 10.22 13.65 -3.95
CA ALA A 109 11.19 12.56 -3.91
C ALA A 109 10.54 11.26 -3.44
N LEU A 110 9.70 11.37 -2.40
CA LEU A 110 9.02 10.20 -1.88
C LEU A 110 8.09 9.57 -2.90
N VAL A 111 7.24 10.39 -3.51
CA VAL A 111 6.29 9.89 -4.51
C VAL A 111 7.06 9.33 -5.70
N GLY A 112 8.14 10.02 -6.07
CA GLY A 112 8.96 9.55 -7.18
C GLY A 112 9.51 8.18 -6.82
N ALA A 113 10.11 8.06 -5.63
CA ALA A 113 10.68 6.79 -5.22
C ALA A 113 9.60 5.73 -5.24
N ASP A 114 8.42 6.10 -4.76
CA ASP A 114 7.28 5.19 -4.71
C ASP A 114 6.95 4.69 -6.11
N GLY A 115 6.96 5.60 -7.08
CA GLY A 115 6.69 5.26 -8.46
C GLY A 115 7.70 4.24 -8.95
N ILE A 116 8.98 4.49 -8.67
CA ILE A 116 10.03 3.56 -9.05
C ILE A 116 9.75 2.19 -8.41
N MET A 117 9.46 2.22 -7.12
CA MET A 117 9.18 0.98 -6.38
C MET A 117 8.06 0.15 -7.00
N ILE A 118 6.92 0.77 -7.28
CA ILE A 118 5.79 0.04 -7.86
C ILE A 118 6.08 -0.36 -9.30
N GLY A 119 6.64 0.57 -10.08
CA GLY A 119 6.96 0.29 -11.47
C GLY A 119 7.93 -0.85 -11.66
N THR A 120 9.05 -0.82 -10.94
CA THR A 120 10.03 -1.90 -11.07
C THR A 120 9.45 -3.22 -10.55
N GLY A 121 8.60 -3.12 -9.53
CA GLY A 121 7.97 -4.31 -8.98
C GLY A 121 7.14 -5.03 -10.03
N LEU A 122 6.38 -4.25 -10.81
CA LEU A 122 5.54 -4.78 -11.88
C LEU A 122 6.37 -5.38 -13.02
N VAL A 123 7.41 -4.66 -13.45
CA VAL A 123 8.26 -5.17 -14.52
C VAL A 123 8.81 -6.50 -14.03
N GLY A 124 9.32 -6.50 -12.79
CA GLY A 124 9.84 -7.72 -12.21
C GLY A 124 8.82 -8.84 -12.26
N ALA A 125 7.57 -8.51 -11.93
CA ALA A 125 6.50 -9.48 -11.94
C ALA A 125 6.18 -10.04 -13.32
N LEU A 126 6.48 -9.27 -14.36
CA LEU A 126 6.19 -9.68 -15.75
C LEU A 126 7.41 -10.17 -16.52
N THR A 127 8.60 -10.15 -15.89
CA THR A 127 9.82 -10.58 -16.54
C THR A 127 9.88 -12.09 -16.75
N LYS A 128 10.30 -12.49 -17.95
CA LYS A 128 10.37 -13.89 -18.33
C LYS A 128 11.67 -14.61 -17.98
N VAL A 129 12.75 -13.86 -17.77
CA VAL A 129 14.02 -14.47 -17.39
C VAL A 129 14.04 -14.53 -15.85
N TYR A 130 13.93 -15.74 -15.30
CA TYR A 130 13.87 -15.94 -13.86
C TYR A 130 14.80 -15.05 -13.04
N SER A 131 16.10 -15.07 -13.39
CA SER A 131 17.09 -14.26 -12.67
C SER A 131 16.82 -12.76 -12.71
N TYR A 132 16.36 -12.24 -13.85
CA TYR A 132 16.10 -10.81 -13.96
C TYR A 132 14.92 -10.37 -13.10
N ARG A 133 14.00 -11.28 -12.83
CA ARG A 133 12.85 -10.96 -12.00
C ARG A 133 13.36 -10.46 -10.64
N PHE A 134 14.42 -11.09 -10.13
CA PHE A 134 14.98 -10.72 -8.84
C PHE A 134 15.81 -9.45 -8.89
N VAL A 135 16.31 -9.11 -10.06
CA VAL A 135 17.07 -7.88 -10.22
C VAL A 135 16.07 -6.72 -10.02
N TRP A 136 14.92 -6.80 -10.68
CA TRP A 136 13.91 -5.76 -10.54
C TRP A 136 13.36 -5.68 -9.12
N TRP A 137 13.18 -6.86 -8.51
CA TRP A 137 12.69 -6.97 -7.15
C TRP A 137 13.60 -6.22 -6.17
N ALA A 138 14.91 -6.39 -6.37
CA ALA A 138 15.92 -5.74 -5.53
C ALA A 138 15.92 -4.24 -5.75
N ILE A 139 15.83 -3.84 -7.01
CA ILE A 139 15.79 -2.42 -7.33
C ILE A 139 14.58 -1.81 -6.65
N SER A 140 13.46 -2.53 -6.72
CA SER A 140 12.22 -2.08 -6.11
C SER A 140 12.34 -1.94 -4.59
N THR A 141 12.88 -2.99 -3.94
CA THR A 141 13.05 -3.00 -2.50
C THR A 141 13.95 -1.86 -2.03
N ALA A 142 15.00 -1.58 -2.79
CA ALA A 142 15.92 -0.49 -2.45
C ALA A 142 15.14 0.83 -2.42
N ALA A 143 14.26 1.02 -3.40
CA ALA A 143 13.45 2.23 -3.47
C ALA A 143 12.57 2.29 -2.23
N MET A 144 12.04 1.13 -1.83
CA MET A 144 11.19 1.05 -0.64
C MET A 144 11.94 1.44 0.63
N LEU A 145 13.19 0.98 0.72
CA LEU A 145 14.00 1.27 1.89
C LEU A 145 14.34 2.77 1.98
N TYR A 146 14.42 3.42 0.83
CA TYR A 146 14.68 4.87 0.80
C TYR A 146 13.47 5.53 1.44
N ILE A 147 12.29 5.10 1.02
CA ILE A 147 11.02 5.62 1.56
C ILE A 147 10.92 5.44 3.07
N LEU A 148 11.14 4.23 3.56
CA LEU A 148 11.05 3.97 5.00
C LEU A 148 12.11 4.75 5.77
N TYR A 149 13.27 4.93 5.16
CA TYR A 149 14.35 5.68 5.78
C TYR A 149 13.88 7.12 6.04
N VAL A 150 13.39 7.77 4.98
CA VAL A 150 12.89 9.14 5.09
C VAL A 150 11.74 9.21 6.10
N LEU A 151 10.85 8.23 6.08
CA LEU A 151 9.73 8.24 7.02
C LEU A 151 10.23 8.15 8.45
N PHE A 152 11.15 7.22 8.70
CA PHE A 152 11.67 7.02 10.04
C PHE A 152 12.57 8.13 10.58
N PHE A 153 13.51 8.59 9.78
CA PHE A 153 14.40 9.66 10.21
C PHE A 153 13.85 11.05 9.86
N GLY A 154 13.69 11.31 8.57
CA GLY A 154 13.18 12.61 8.14
C GLY A 154 11.86 13.05 8.73
N PHE A 155 10.81 12.25 8.53
CA PHE A 155 9.49 12.60 9.02
C PHE A 155 9.37 12.66 10.54
N THR A 156 9.98 11.71 11.24
CA THR A 156 9.92 11.73 12.69
C THR A 156 10.46 13.07 13.20
N SER A 157 11.59 13.49 12.65
CA SER A 157 12.19 14.76 13.07
C SER A 157 11.24 15.94 12.82
N LYS A 158 10.60 15.94 11.65
CA LYS A 158 9.64 16.98 11.30
C LYS A 158 8.48 16.95 12.29
N ALA A 159 8.10 15.73 12.67
CA ALA A 159 7.02 15.53 13.62
C ALA A 159 7.29 16.17 14.98
N GLU A 160 8.55 16.10 15.42
CA GLU A 160 8.93 16.66 16.71
C GLU A 160 8.61 18.13 16.88
N SER A 161 8.58 18.88 15.78
CA SER A 161 8.28 20.30 15.84
C SER A 161 6.77 20.57 15.92
N MET A 162 5.98 19.52 15.79
CA MET A 162 4.53 19.63 15.87
C MET A 162 4.15 19.46 17.33
N ARG A 163 2.87 19.61 17.64
CA ARG A 163 2.42 19.44 19.01
C ARG A 163 2.49 17.94 19.30
N PRO A 164 2.76 17.57 20.56
CA PRO A 164 2.85 16.15 20.95
C PRO A 164 1.71 15.25 20.48
N GLU A 165 0.52 15.81 20.28
CA GLU A 165 -0.64 15.04 19.83
C GLU A 165 -0.45 14.54 18.38
N VAL A 166 0.13 15.40 17.55
CA VAL A 166 0.40 15.10 16.15
C VAL A 166 1.58 14.14 16.04
N ALA A 167 2.65 14.45 16.78
CA ALA A 167 3.84 13.62 16.76
C ALA A 167 3.50 12.20 17.16
N SER A 168 2.78 12.05 18.27
CA SER A 168 2.42 10.72 18.75
C SER A 168 1.59 9.96 17.70
N THR A 169 0.59 10.61 17.13
CA THR A 169 -0.24 9.96 16.12
C THR A 169 0.63 9.55 14.93
N PHE A 170 1.52 10.44 14.53
CA PHE A 170 2.41 10.14 13.42
C PHE A 170 3.25 8.90 13.71
N LYS A 171 3.75 8.80 14.93
CA LYS A 171 4.58 7.66 15.32
C LYS A 171 3.85 6.32 15.15
N VAL A 172 2.60 6.26 15.57
CA VAL A 172 1.81 5.04 15.44
C VAL A 172 1.67 4.70 13.96
N LEU A 173 1.25 5.69 13.18
CA LEU A 173 1.06 5.53 11.75
C LEU A 173 2.40 5.16 11.07
N ARG A 174 3.48 5.76 11.57
CA ARG A 174 4.81 5.49 11.04
C ARG A 174 5.19 4.04 11.30
N ASN A 175 4.96 3.58 12.53
CA ASN A 175 5.30 2.21 12.92
C ASN A 175 4.49 1.20 12.12
N VAL A 176 3.22 1.50 11.93
CA VAL A 176 2.32 0.62 11.18
C VAL A 176 2.82 0.47 9.75
N THR A 177 3.23 1.59 9.16
CA THR A 177 3.72 1.62 7.78
C THR A 177 5.04 0.85 7.62
N VAL A 178 5.97 1.07 8.53
CA VAL A 178 7.25 0.37 8.46
C VAL A 178 7.07 -1.15 8.59
N VAL A 179 6.27 -1.58 9.56
CA VAL A 179 6.05 -3.00 9.77
C VAL A 179 5.38 -3.69 8.59
N LEU A 180 4.22 -3.18 8.17
CA LEU A 180 3.47 -3.75 7.06
C LEU A 180 4.20 -3.65 5.72
N TRP A 181 4.71 -2.47 5.40
CA TRP A 181 5.42 -2.27 4.13
C TRP A 181 6.65 -3.19 4.01
N SER A 182 7.48 -3.23 5.05
CA SER A 182 8.67 -4.06 5.00
C SER A 182 8.37 -5.53 4.72
N ALA A 183 7.09 -5.91 4.84
CA ALA A 183 6.67 -7.30 4.61
C ALA A 183 6.34 -7.63 3.15
N TYR A 184 5.86 -6.66 2.38
CA TYR A 184 5.49 -6.93 1.01
C TYR A 184 6.60 -7.59 0.19
N PRO A 185 7.80 -7.02 0.18
CA PRO A 185 8.89 -7.62 -0.59
C PRO A 185 9.21 -9.06 -0.17
N VAL A 186 8.96 -9.38 1.09
CA VAL A 186 9.21 -10.74 1.57
C VAL A 186 8.14 -11.68 1.04
N VAL A 187 6.89 -11.22 0.99
CA VAL A 187 5.81 -12.03 0.46
C VAL A 187 6.05 -12.26 -1.04
N TRP A 188 6.42 -11.21 -1.76
CA TRP A 188 6.69 -11.30 -3.19
C TRP A 188 7.81 -12.31 -3.47
N LEU A 189 8.89 -12.20 -2.69
CA LEU A 189 10.05 -13.07 -2.84
C LEU A 189 9.76 -14.56 -2.69
N ILE A 190 8.93 -14.91 -1.71
CA ILE A 190 8.61 -16.31 -1.45
C ILE A 190 7.33 -16.80 -2.09
N GLY A 191 6.57 -15.89 -2.69
CA GLY A 191 5.31 -16.27 -3.29
C GLY A 191 5.41 -16.59 -4.78
N SER A 192 4.25 -16.65 -5.42
CA SER A 192 4.15 -16.97 -6.83
C SER A 192 4.90 -16.04 -7.79
N GLU A 193 5.24 -14.84 -7.33
CA GLU A 193 5.98 -13.91 -8.18
C GLU A 193 7.47 -14.17 -8.06
N GLY A 194 7.87 -14.83 -6.96
CA GLY A 194 9.27 -15.10 -6.73
C GLY A 194 9.65 -16.57 -6.77
N ALA A 195 10.05 -17.09 -5.61
CA ALA A 195 10.48 -18.47 -5.48
C ALA A 195 9.35 -19.49 -5.68
N GLY A 196 8.11 -19.02 -5.56
CA GLY A 196 6.97 -19.91 -5.73
C GLY A 196 6.85 -20.94 -4.63
N ILE A 197 7.23 -20.57 -3.42
CA ILE A 197 7.16 -21.48 -2.27
C ILE A 197 5.78 -21.43 -1.65
N VAL A 198 5.31 -20.24 -1.33
CA VAL A 198 3.98 -20.08 -0.76
C VAL A 198 3.01 -20.08 -1.94
N PRO A 199 1.98 -20.92 -1.89
CA PRO A 199 1.01 -20.95 -3.01
C PRO A 199 0.17 -19.69 -3.09
N LEU A 200 -0.28 -19.40 -4.30
CA LEU A 200 -1.10 -18.21 -4.59
C LEU A 200 -2.27 -17.97 -3.64
N ASN A 201 -2.92 -19.04 -3.18
CA ASN A 201 -4.06 -18.86 -2.29
C ASN A 201 -3.64 -18.31 -0.93
N ILE A 202 -2.52 -18.77 -0.40
CA ILE A 202 -2.05 -18.27 0.89
C ILE A 202 -1.44 -16.88 0.70
N GLU A 203 -0.78 -16.67 -0.44
CA GLU A 203 -0.17 -15.38 -0.76
C GLU A 203 -1.22 -14.27 -0.87
N THR A 204 -2.34 -14.61 -1.50
CA THR A 204 -3.44 -13.67 -1.67
C THR A 204 -3.98 -13.31 -0.28
N LEU A 205 -4.00 -14.31 0.60
CA LEU A 205 -4.46 -14.13 1.97
C LEU A 205 -3.52 -13.14 2.68
N LEU A 206 -2.21 -13.35 2.51
CA LEU A 206 -1.21 -12.48 3.12
C LEU A 206 -1.33 -11.04 2.63
N PHE A 207 -1.41 -10.85 1.31
CA PHE A 207 -1.55 -9.49 0.81
C PHE A 207 -2.83 -8.82 1.28
N MET A 208 -3.92 -9.58 1.34
CA MET A 208 -5.19 -9.02 1.79
C MET A 208 -5.09 -8.52 3.21
N VAL A 209 -4.43 -9.32 4.07
CA VAL A 209 -4.25 -8.95 5.46
C VAL A 209 -3.40 -7.69 5.55
N LEU A 210 -2.34 -7.63 4.78
CA LEU A 210 -1.45 -6.47 4.76
C LEU A 210 -2.18 -5.25 4.16
N ASP A 211 -2.89 -5.47 3.05
CA ASP A 211 -3.63 -4.39 2.39
C ASP A 211 -4.71 -3.76 3.27
N VAL A 212 -5.50 -4.58 3.94
CA VAL A 212 -6.56 -4.06 4.79
C VAL A 212 -5.97 -3.30 5.98
N SER A 213 -4.95 -3.88 6.59
CA SER A 213 -4.28 -3.27 7.74
C SER A 213 -3.62 -1.95 7.35
N ALA A 214 -2.93 -1.93 6.22
CA ALA A 214 -2.22 -0.73 5.75
C ALA A 214 -3.12 0.36 5.19
N LYS A 215 -4.37 0.03 4.88
CA LYS A 215 -5.29 1.04 4.36
C LYS A 215 -6.40 1.37 5.34
N VAL A 216 -7.24 0.40 5.64
CA VAL A 216 -8.34 0.64 6.56
C VAL A 216 -7.84 0.77 8.00
N GLY A 217 -6.88 -0.07 8.38
CA GLY A 217 -6.33 0.01 9.73
C GLY A 217 -5.69 1.37 9.94
N PHE A 218 -4.89 1.77 8.96
CA PHE A 218 -4.18 3.05 8.93
C PHE A 218 -5.21 4.17 9.01
N GLY A 219 -6.24 4.08 8.17
CA GLY A 219 -7.27 5.09 8.15
C GLY A 219 -7.99 5.25 9.48
N LEU A 220 -8.35 4.12 10.12
CA LEU A 220 -9.04 4.16 11.40
C LEU A 220 -8.23 4.91 12.45
N ILE A 221 -6.93 4.65 12.47
CA ILE A 221 -6.03 5.28 13.42
C ILE A 221 -5.93 6.78 13.17
N LEU A 222 -5.70 7.13 11.91
CA LEU A 222 -5.59 8.52 11.51
C LEU A 222 -6.88 9.31 11.71
N LEU A 223 -7.95 8.82 11.09
CA LEU A 223 -9.22 9.52 11.13
C LEU A 223 -9.91 9.60 12.49
N ARG A 224 -9.45 8.79 13.44
CA ARG A 224 -10.05 8.82 14.77
C ARG A 224 -9.28 9.77 15.68
N SER A 225 -8.14 10.27 15.22
CA SER A 225 -7.33 11.16 16.05
C SER A 225 -7.62 12.65 15.85
N ARG A 226 -7.13 13.47 16.79
CA ARG A 226 -7.32 14.91 16.73
C ARG A 226 -6.19 15.58 15.95
N ALA A 227 -5.17 14.80 15.58
CA ALA A 227 -4.02 15.33 14.85
C ALA A 227 -4.38 15.85 13.46
N ILE A 228 -5.59 15.55 13.00
CA ILE A 228 -6.01 15.99 11.68
C ILE A 228 -6.75 17.33 11.68
N PHE A 229 -6.97 17.90 12.85
CA PHE A 229 -7.65 19.19 12.94
C PHE A 229 -6.65 20.34 13.07
C1 RET B . 6.51 -5.00 -4.37
C2 RET B . 7.41 -5.85 -5.30
C3 RET B . 8.77 -6.21 -4.81
C4 RET B . 9.53 -5.09 -4.10
C5 RET B . 8.70 -4.21 -3.13
C6 RET B . 7.29 -4.17 -3.25
C7 RET B . 6.62 -3.29 -2.24
C8 RET B . 5.30 -3.02 -2.03
C9 RET B . 4.70 -2.17 -1.03
C10 RET B . 3.33 -2.19 -1.12
C11 RET B . 2.49 -1.44 -0.20
C12 RET B . 1.17 -1.58 -0.47
C13 RET B . 0.10 -0.94 0.29
C14 RET B . -1.12 -1.28 -0.27
C15 RET B . -2.39 -0.81 0.23
C16 RET B . 5.72 -4.02 -5.34
C17 RET B . 5.51 -6.07 -3.77
C18 RET B . 9.63 -3.53 -2.18
C19 RET B . 5.52 -1.40 -0.01
C20 RET B . 0.34 -0.05 1.47
C1 D12 C . -20.15 -17.83 -4.21
C2 D12 C . -20.62 -16.40 -4.25
C3 D12 C . -19.57 -15.52 -3.59
C4 D12 C . -19.97 -14.07 -3.59
C5 D12 C . -18.89 -13.21 -2.93
C6 D12 C . -19.27 -11.73 -2.90
C7 D12 C . -18.17 -10.91 -2.26
C8 D12 C . -18.52 -9.42 -2.20
C9 D12 C . -18.77 -8.84 -3.58
C10 D12 C . -19.10 -7.37 -3.49
C11 D12 C . -19.38 -6.76 -4.85
C12 D12 C . -19.69 -5.29 -4.69
C1 D10 D . 20.56 -7.49 -3.78
C2 D10 D . 21.99 -7.29 -3.32
C3 D10 D . 22.72 -8.63 -3.31
C4 D10 D . 22.76 -9.26 -4.69
C5 D10 D . 23.48 -10.61 -4.69
C6 D10 D . 23.52 -11.18 -6.09
C7 D10 D . 24.23 -12.51 -6.15
C8 D10 D . 24.28 -13.01 -7.58
C9 D10 D . 25.01 -14.34 -7.68
C10 D10 D . 25.05 -14.77 -9.12
C01 C14 E . 15.56 -16.24 -3.67
C02 C14 E . 16.78 -15.51 -4.23
C03 C14 E . 16.53 -14.00 -4.23
C04 C14 E . 17.73 -13.21 -4.80
C05 C14 E . 17.47 -11.69 -4.83
C06 C14 E . 18.67 -10.92 -5.42
C07 C14 E . 18.91 -11.45 -6.82
C08 C14 E . 20.07 -10.84 -7.60
C09 C14 E . 20.13 -11.61 -8.92
C10 C14 E . 21.23 -11.21 -9.88
C11 C14 E . 21.13 -12.13 -11.11
C12 C14 E . 22.19 -11.88 -12.17
C13 C14 E . 21.99 -12.84 -13.33
C14 C14 E . 23.04 -12.57 -14.39
C1 OCT F . 11.07 -0.47 -18.31
C2 OCT F . 12.06 -1.48 -18.86
C3 OCT F . 11.29 -2.62 -19.50
C4 OCT F . 12.22 -3.66 -20.08
C5 OCT F . 11.44 -4.77 -20.74
C6 OCT F . 12.37 -5.80 -21.35
C7 OCT F . 11.59 -6.92 -22.02
C8 OCT F . 12.57 -7.91 -22.60
C1 D10 G . 13.69 10.48 -4.88
C2 D10 G . 15.17 10.73 -4.61
C3 D10 G . 15.78 9.46 -4.04
C4 D10 G . 15.60 8.33 -5.01
C5 D10 G . 16.19 7.03 -4.51
C6 D10 G . 15.96 5.97 -5.57
C7 D10 G . 16.52 4.62 -5.19
C8 D10 G . 16.25 3.65 -6.32
C9 D10 G . 16.79 2.28 -6.03
C10 D10 G . 16.47 1.38 -7.21
C1 OCT H . -14.59 15.42 1.95
C2 OCT H . -14.94 13.99 1.62
C3 OCT H . -14.28 13.62 0.29
C4 OCT H . -14.61 12.19 -0.07
C5 OCT H . -14.01 11.74 -1.38
C6 OCT H . -14.44 10.31 -1.63
C7 OCT H . -13.89 9.73 -2.91
C8 OCT H . -14.40 8.31 -3.05
C1 D10 I . 15.88 3.40 -13.63
C2 D10 I . 16.86 2.29 -13.30
C3 D10 I . 16.60 1.11 -14.22
C4 D10 I . 17.54 -0.06 -13.96
C5 D10 I . 17.22 -1.21 -14.89
C6 D10 I . 18.12 -2.42 -14.68
C7 D10 I . 17.75 -3.55 -15.63
C8 D10 I . 18.59 -4.79 -15.45
C9 D10 I . 18.16 -5.88 -16.43
C10 D10 I . 19.02 -7.11 -16.23
C1 OCT J . 4.05 -17.67 6.26
C2 OCT J . 4.76 -18.71 5.41
C3 OCT J . 3.76 -19.75 4.94
C4 OCT J . 4.45 -20.80 4.08
C5 OCT J . 3.49 -21.86 3.58
C6 OCT J . 4.21 -22.87 2.73
C7 OCT J . 3.28 -23.94 2.21
C8 OCT J . 4.09 -24.92 1.37
C1 D10 K . 0.96 -18.26 12.18
C2 D10 K . 2.10 -19.05 11.57
C3 D10 K . 1.52 -20.14 10.67
C4 D10 K . 2.60 -20.98 10.01
C5 D10 K . 1.95 -22.04 9.14
C6 D10 K . 2.96 -22.94 8.43
C7 D10 K . 2.22 -23.96 7.58
C8 D10 K . 3.14 -24.90 6.83
C9 D10 K . 2.32 -25.88 6.01
C10 D10 K . 3.26 -26.83 5.28
C1 D10 L . 20.75 0.57 -9.05
C2 D10 L . 20.65 -0.20 -10.34
C3 D10 L . 21.36 -1.55 -10.18
C4 D10 L . 21.29 -2.38 -11.44
C5 D10 L . 21.98 -3.72 -11.25
C6 D10 L . 21.90 -4.60 -12.49
C7 D10 L . 22.59 -5.94 -12.23
C8 D10 L . 22.50 -6.85 -13.44
C9 D10 L . 23.17 -8.19 -13.18
C10 D10 L . 23.06 -9.07 -14.43
C1 D10 M . 18.40 2.39 -17.39
C2 D10 M . 18.28 1.51 -18.62
C3 D10 M . 17.90 0.10 -18.19
C4 D10 M . 17.76 -0.81 -19.41
C5 D10 M . 17.39 -2.23 -19.03
C6 D10 M . 17.26 -3.10 -20.27
C7 D10 M . 16.89 -4.52 -19.91
C8 D10 M . 16.77 -5.37 -21.15
C9 D10 M . 16.39 -6.81 -20.81
C10 D10 M . 16.29 -7.61 -22.09
C1 CPS N . -18.63 -17.52 -7.62
C2 CPS N . -17.49 -16.61 -8.21
C3 CPS N . -18.70 -16.28 -10.53
C4 CPS N . -18.58 -16.36 -12.10
C5 CPS N . -17.43 -15.42 -12.64
C6 CPS N . -16.10 -15.87 -11.92
C7 CPS N . -15.02 -14.97 -12.52
C8 CPS N . -15.41 -14.99 -14.02
C9 CPS N . -16.90 -15.61 -14.08
C10 CPS N . -17.82 -13.91 -12.31
C11 CPS N . -17.89 -15.19 -7.69
C12 CPS N . -18.35 -19.04 -7.72
C13 CPS N . -17.01 -19.37 -6.97
C14 CPS N . -15.81 -18.58 -7.62
C15 CPS N . -16.10 -17.04 -7.53
C16 CPS N . -14.91 -16.19 -8.14
C17 CPS N . -14.81 -16.20 -9.68
C18 CPS N . -16.18 -15.79 -10.36
C19 CPS N . -17.35 -16.70 -9.81
C20 CPS N . -17.74 -14.91 -15.28
C21 CPS N . -19.21 -15.43 -15.39
C22 CPS N . -17.04 -15.11 -16.68
C23 CPS N . -17.05 -16.55 -17.22
C24 CPS N . -16.36 -16.66 -18.60
O2 CPS N . -16.75 -20.76 -7.08
O3 CPS N . -14.43 -17.52 -10.17
O4 CPS N . -18.33 -17.74 -12.40
#